data_8J61
#
_entry.id   8J61
#
_cell.length_a   51.729
_cell.length_b   51.729
_cell.length_c   228.592
_cell.angle_alpha   90.0
_cell.angle_beta   90.0
_cell.angle_gamma   120.0
#
_symmetry.space_group_name_H-M   'P 31 1 2'
#
loop_
_entity.id
_entity.type
_entity.pdbx_description
1 polymer 'High affinity nerve growth factor receptor'
2 non-polymer 4^6-methyl-N-(3-(4-methyl-1H-imidazol-1-yl)-5-(trifluoromethyl)phenyl)-14-oxo-5-oxa-13-aza-1(3,6)-imidazo[1,2-b]pyridazina-4(1,3)-benzenacyclotetradecaphan-2-yne-4^5-carboxamide
#
_entity_poly.entity_id   1
_entity_poly.type   'polypeptide(L)'
_entity_poly.pdbx_seq_one_letter_code
;SDACVHHIKRRDIVLKWELGEGAFGKVFLAECHNLLPEQDKMLVAVKALKEASESARQDFQREAELLTMLQHQHIVRFFG
VCTEGRPLLMVFEYMRHGDLNRFLRSHGPDAKLLAGGEDVAPGPLGLGQLLAVASQVAAGMVYLAGLHFVHRDLATRNCL
VGQGLVVKIGDFGMSRDIYSTDYYRVGGRTMLPIRWMPPESILYRKFTTESDVWSFGVVLWEIFTYGKQPWYQLSNTEAI
DCITQGRELERPRACPPEVYAIMRGCWQREPQQRHSIKDVHARLQALAQAPPVYLDVLG
;
_entity_poly.pdbx_strand_id   A
#
# COMPACT_ATOMS: atom_id res chain seq x y z
N ASP A 2 17.39 -7.11 20.53
CA ASP A 2 16.17 -7.42 21.26
C ASP A 2 15.19 -8.18 20.37
N ALA A 3 15.57 -9.39 19.97
CA ALA A 3 14.76 -10.19 19.06
C ALA A 3 13.52 -10.78 19.72
N CYS A 4 12.42 -10.03 19.70
CA CYS A 4 11.13 -10.54 20.14
C CYS A 4 10.32 -10.95 18.91
N VAL A 5 10.99 -10.95 17.76
CA VAL A 5 10.41 -11.37 16.50
C VAL A 5 10.55 -12.87 16.33
N HIS A 6 9.49 -13.52 15.85
CA HIS A 6 9.50 -14.97 15.69
C HIS A 6 10.52 -15.43 14.66
N HIS A 7 11.00 -16.66 14.81
CA HIS A 7 12.00 -17.23 13.90
C HIS A 7 11.48 -18.49 13.22
N ILE A 8 11.98 -18.76 12.03
CA ILE A 8 11.54 -19.92 11.24
C ILE A 8 12.74 -20.71 10.72
N LYS A 9 12.79 -21.99 11.02
CA LYS A 9 13.87 -22.85 10.56
C LYS A 9 13.90 -22.94 9.03
N ARG A 10 15.09 -22.81 8.46
CA ARG A 10 15.27 -22.86 7.01
C ARG A 10 14.70 -24.13 6.42
N ARG A 11 14.75 -25.20 7.20
CA ARG A 11 14.25 -26.50 6.76
C ARG A 11 12.75 -26.51 6.51
N ASP A 12 12.03 -25.63 7.21
CA ASP A 12 10.59 -25.51 7.02
C ASP A 12 10.22 -24.65 5.82
N ILE A 13 11.23 -24.07 5.17
CA ILE A 13 10.98 -23.17 4.06
C ILE A 13 11.47 -23.76 2.74
N VAL A 14 10.58 -23.91 1.78
CA VAL A 14 10.93 -24.48 0.48
C VAL A 14 10.58 -23.52 -0.65
N LEU A 15 11.59 -22.85 -1.18
CA LEU A 15 11.41 -21.92 -2.28
C LEU A 15 10.93 -22.65 -3.54
N LYS A 16 9.95 -22.08 -4.21
CA LYS A 16 9.40 -22.65 -5.44
C LYS A 16 9.90 -21.87 -6.65
N TRP A 17 9.59 -20.59 -6.68
CA TRP A 17 10.03 -19.72 -7.77
C TRP A 17 10.00 -18.26 -7.34
N GLU A 18 10.58 -17.41 -8.17
CA GLU A 18 10.65 -15.99 -7.88
C GLU A 18 9.38 -15.26 -8.29
N LEU A 19 8.96 -14.30 -7.47
CA LEU A 19 7.77 -13.51 -7.72
C LEU A 19 8.12 -12.14 -8.28
N GLY A 20 9.23 -11.60 -7.81
CA GLY A 20 9.67 -10.28 -8.22
C GLY A 20 11.06 -9.98 -7.71
N GLU A 21 11.56 -8.79 -8.00
CA GLU A 21 12.94 -8.44 -7.68
C GLU A 21 13.12 -6.93 -7.47
N GLY A 22 13.98 -6.59 -6.51
CA GLY A 22 14.32 -5.20 -6.26
C GLY A 22 15.84 -5.02 -6.25
N ALA A 23 16.29 -3.81 -5.98
CA ALA A 23 17.73 -3.53 -5.96
C ALA A 23 18.39 -4.16 -4.75
N PHE A 24 17.66 -4.23 -3.64
CA PHE A 24 18.22 -4.68 -2.38
C PHE A 24 17.69 -6.05 -1.98
N GLY A 25 16.81 -6.62 -2.79
CA GLY A 25 16.28 -7.94 -2.51
C GLY A 25 15.27 -8.50 -3.49
N LYS A 26 15.04 -9.81 -3.40
CA LYS A 26 14.06 -10.48 -4.24
C LYS A 26 13.03 -11.23 -3.43
N VAL A 27 11.90 -11.51 -4.04
CA VAL A 27 10.80 -12.21 -3.37
C VAL A 27 10.51 -13.55 -4.04
N PHE A 28 10.35 -14.59 -3.22
CA PHE A 28 10.04 -15.92 -3.71
C PHE A 28 8.69 -16.40 -3.20
N LEU A 29 8.03 -17.25 -3.97
CA LEU A 29 6.91 -18.02 -3.45
C LEU A 29 7.49 -19.29 -2.84
N ALA A 30 7.09 -19.59 -1.61
CA ALA A 30 7.68 -20.71 -0.91
C ALA A 30 6.65 -21.49 -0.10
N GLU A 31 6.93 -22.77 0.13
CA GLU A 31 6.10 -23.59 1.00
C GLU A 31 6.67 -23.53 2.42
N CYS A 32 5.80 -23.25 3.39
CA CYS A 32 6.23 -23.13 4.77
C CYS A 32 5.53 -24.15 5.65
N HIS A 33 6.30 -25.11 6.16
CA HIS A 33 5.77 -26.19 6.97
C HIS A 33 5.72 -25.84 8.46
N ASN A 34 4.71 -26.37 9.16
CA ASN A 34 4.54 -26.17 10.60
C ASN A 34 4.47 -24.71 11.06
N LEU A 35 4.22 -23.80 10.11
CA LEU A 35 4.09 -22.38 10.43
C LEU A 35 2.76 -22.12 11.12
N LEU A 36 1.67 -22.50 10.44
CA LEU A 36 0.33 -22.39 11.01
C LEU A 36 -0.18 -23.78 11.39
N PRO A 37 -1.06 -23.85 12.40
CA PRO A 37 -1.49 -25.18 12.85
C PRO A 37 -2.52 -25.83 11.93
N GLU A 38 -3.46 -25.05 11.40
CA GLU A 38 -4.50 -25.60 10.54
C GLU A 38 -3.94 -26.08 9.21
N GLN A 39 -2.90 -25.39 8.72
CA GLN A 39 -2.23 -25.80 7.49
C GLN A 39 -0.87 -26.43 7.78
N ASP A 40 -0.77 -27.75 7.58
CA ASP A 40 0.50 -28.44 7.76
C ASP A 40 1.50 -27.95 6.72
N LYS A 41 0.97 -27.48 5.59
CA LYS A 41 1.76 -26.81 4.57
C LYS A 41 0.97 -25.68 3.94
N MET A 42 1.57 -24.50 3.90
CA MET A 42 0.92 -23.33 3.30
C MET A 42 1.91 -22.50 2.49
N LEU A 43 1.39 -21.56 1.72
CA LEU A 43 2.22 -20.73 0.86
C LEU A 43 2.55 -19.39 1.51
N VAL A 44 3.82 -19.03 1.44
CA VAL A 44 4.28 -17.74 1.95
C VAL A 44 5.11 -17.03 0.89
N ALA A 45 5.30 -15.73 1.07
CA ALA A 45 6.18 -14.97 0.19
C ALA A 45 7.46 -14.62 0.96
N VAL A 46 8.55 -15.22 0.54
CA VAL A 46 9.83 -15.06 1.22
C VAL A 46 10.72 -14.03 0.54
N LYS A 47 11.13 -13.01 1.29
CA LYS A 47 12.04 -12.00 0.77
C LYS A 47 13.46 -12.25 1.25
N ALA A 48 14.38 -12.39 0.30
CA ALA A 48 15.78 -12.57 0.62
C ALA A 48 16.53 -11.25 0.41
N LEU A 49 17.51 -10.98 1.27
CA LEU A 49 18.17 -9.67 1.28
C LEU A 49 19.34 -9.56 0.32
N LYS A 50 20.10 -8.47 0.47
CA LYS A 50 21.26 -8.19 -0.38
C LYS A 50 20.90 -8.24 -1.86
N SER A 53 25.93 -7.28 3.14
CA SER A 53 26.06 -5.93 3.68
C SER A 53 25.83 -5.87 5.21
N GLU A 54 26.80 -5.33 5.94
CA GLU A 54 26.68 -5.27 7.40
C GLU A 54 25.63 -4.23 7.79
N SER A 55 25.47 -3.23 6.94
CA SER A 55 24.44 -2.22 7.14
C SER A 55 23.06 -2.84 7.00
N ALA A 56 22.96 -3.85 6.13
CA ALA A 56 21.70 -4.56 5.92
C ALA A 56 21.40 -5.51 7.08
N ARG A 57 22.37 -6.36 7.44
CA ARG A 57 22.20 -7.30 8.55
C ARG A 57 21.80 -6.55 9.83
N GLN A 58 22.23 -5.30 9.96
CA GLN A 58 21.81 -4.48 11.10
C GLN A 58 20.43 -3.85 10.83
N ASP A 59 20.20 -3.44 9.58
CA ASP A 59 18.91 -2.91 9.15
C ASP A 59 17.83 -3.97 9.20
N PHE A 60 18.23 -5.19 8.83
CA PHE A 60 17.37 -6.36 8.82
C PHE A 60 16.60 -6.52 10.13
N GLN A 61 17.33 -6.45 11.24
CA GLN A 61 16.76 -6.63 12.56
C GLN A 61 15.75 -5.54 12.91
N ARG A 62 15.99 -4.33 12.41
CA ARG A 62 15.16 -3.19 12.75
C ARG A 62 13.75 -3.31 12.16
N GLU A 63 13.69 -3.66 10.88
CA GLU A 63 12.41 -3.75 10.18
C GLU A 63 11.57 -4.92 10.70
N ALA A 64 12.21 -6.06 10.92
CA ALA A 64 11.52 -7.24 11.42
C ALA A 64 10.91 -6.96 12.79
N GLU A 65 11.60 -6.16 13.59
CA GLU A 65 11.08 -5.70 14.87
C GLU A 65 9.82 -4.86 14.64
N LEU A 66 9.89 -3.96 13.68
CA LEU A 66 8.77 -3.12 13.29
C LEU A 66 7.60 -3.96 12.77
N LEU A 67 7.91 -4.93 11.92
CA LEU A 67 6.89 -5.71 11.24
C LEU A 67 6.08 -6.59 12.19
N THR A 68 6.77 -7.25 13.11
CA THR A 68 6.10 -8.05 14.13
C THR A 68 5.29 -7.13 15.04
N MET A 69 5.76 -5.89 15.17
CA MET A 69 5.13 -4.92 16.05
C MET A 69 3.76 -4.47 15.53
N LEU A 70 3.70 -4.05 14.27
CA LEU A 70 2.42 -3.66 13.69
C LEU A 70 1.75 -4.84 13.01
N GLN A 71 0.78 -5.43 13.68
CA GLN A 71 0.00 -6.52 13.13
C GLN A 71 -1.49 -6.23 13.25
N HIS A 72 -2.11 -5.93 12.11
CA HIS A 72 -3.52 -5.59 12.06
C HIS A 72 -4.20 -6.39 10.96
N GLN A 73 -5.53 -6.37 10.93
CA GLN A 73 -6.29 -7.12 9.96
C GLN A 73 -6.14 -6.55 8.55
N HIS A 74 -5.55 -5.37 8.45
CA HIS A 74 -5.31 -4.74 7.16
C HIS A 74 -3.84 -4.32 7.00
N ILE A 75 -2.98 -4.98 7.76
CA ILE A 75 -1.54 -4.90 7.55
C ILE A 75 -1.06 -6.29 7.15
N VAL A 76 -0.25 -6.35 6.09
CA VAL A 76 0.26 -7.62 5.57
C VAL A 76 0.90 -8.47 6.66
N ARG A 77 0.38 -9.69 6.83
CA ARG A 77 0.89 -10.58 7.88
C ARG A 77 2.38 -10.84 7.73
N PHE A 78 3.09 -10.76 8.85
CA PHE A 78 4.52 -11.02 8.90
C PHE A 78 4.77 -12.15 9.89
N PHE A 79 5.17 -13.29 9.37
CA PHE A 79 5.29 -14.49 10.20
C PHE A 79 6.60 -14.57 10.96
N GLY A 80 7.67 -14.08 10.36
CA GLY A 80 8.95 -14.08 11.03
C GLY A 80 10.14 -14.05 10.09
N VAL A 81 11.28 -14.47 10.60
CA VAL A 81 12.52 -14.40 9.84
C VAL A 81 13.31 -15.70 9.96
N CYS A 82 14.19 -15.94 9.00
CA CYS A 82 15.10 -17.07 9.09
C CYS A 82 16.54 -16.57 9.14
N THR A 83 17.02 -16.35 10.36
CA THR A 83 18.39 -15.90 10.59
C THR A 83 19.35 -17.09 10.60
N GLU A 84 18.79 -18.29 10.45
CA GLU A 84 19.60 -19.52 10.38
C GLU A 84 20.52 -19.49 9.17
N GLY A 85 21.76 -19.09 9.41
CA GLY A 85 22.73 -18.92 8.33
C GLY A 85 22.28 -17.87 7.35
N ARG A 86 22.84 -17.93 6.15
CA ARG A 86 22.49 -16.99 5.08
C ARG A 86 21.92 -17.78 3.90
N PRO A 87 21.09 -17.15 3.06
CA PRO A 87 20.66 -15.75 3.05
C PRO A 87 19.61 -15.44 4.12
N LEU A 88 19.52 -14.17 4.49
CA LEU A 88 18.53 -13.72 5.45
C LEU A 88 17.15 -13.67 4.80
N LEU A 89 16.14 -14.17 5.51
CA LEU A 89 14.80 -14.25 4.94
C LEU A 89 13.76 -13.56 5.81
N MET A 90 12.72 -13.02 5.16
CA MET A 90 11.56 -12.52 5.85
C MET A 90 10.31 -13.18 5.29
N VAL A 91 9.53 -13.81 6.15
CA VAL A 91 8.40 -14.60 5.69
C VAL A 91 7.08 -13.85 5.79
N PHE A 92 6.47 -13.60 4.63
CA PHE A 92 5.21 -12.87 4.56
C PHE A 92 4.07 -13.76 4.09
N GLU A 93 2.86 -13.37 4.49
CA GLU A 93 1.65 -13.95 3.94
C GLU A 93 1.61 -13.69 2.43
N TYR A 94 1.18 -14.68 1.65
CA TYR A 94 1.11 -14.54 0.19
C TYR A 94 -0.21 -13.95 -0.28
N MET A 95 -0.11 -12.88 -1.07
CA MET A 95 -1.26 -12.18 -1.60
C MET A 95 -1.28 -12.33 -3.12
N ARG A 96 -2.15 -13.21 -3.61
CA ARG A 96 -2.04 -13.73 -4.98
C ARG A 96 -2.42 -12.76 -6.08
N HIS A 97 -3.01 -11.62 -5.75
CA HIS A 97 -3.42 -10.68 -6.78
C HIS A 97 -2.39 -9.59 -7.00
N GLY A 98 -1.25 -9.71 -6.32
CA GLY A 98 -0.18 -8.75 -6.46
C GLY A 98 -0.48 -7.45 -5.75
N ASP A 99 0.23 -6.38 -6.12
CA ASP A 99 0.00 -5.08 -5.53
C ASP A 99 -1.31 -4.48 -6.04
N LEU A 100 -1.83 -3.49 -5.31
CA LEU A 100 -3.12 -2.90 -5.61
C LEU A 100 -3.13 -2.21 -6.97
N ASN A 101 -1.98 -1.68 -7.36
CA ASN A 101 -1.89 -0.98 -8.65
C ASN A 101 -2.11 -1.93 -9.82
N ARG A 102 -1.39 -3.04 -9.84
CA ARG A 102 -1.55 -4.05 -10.88
C ARG A 102 -2.98 -4.55 -10.91
N PHE A 103 -3.56 -4.77 -9.73
CA PHE A 103 -4.91 -5.29 -9.63
C PHE A 103 -5.91 -4.32 -10.23
N LEU A 104 -5.76 -3.04 -9.92
CA LEU A 104 -6.66 -2.01 -10.44
C LEU A 104 -6.55 -1.88 -11.95
N ARG A 105 -5.32 -1.93 -12.45
CA ARG A 105 -5.07 -1.77 -13.87
C ARG A 105 -5.62 -2.95 -14.66
N SER A 106 -5.62 -4.12 -14.03
CA SER A 106 -6.11 -5.33 -14.68
C SER A 106 -7.63 -5.40 -14.67
N HIS A 107 -8.25 -4.56 -13.85
CA HIS A 107 -9.71 -4.53 -13.75
C HIS A 107 -10.23 -3.12 -14.00
N GLY A 108 -9.59 -2.44 -14.94
CA GLY A 108 -10.07 -1.16 -15.44
C GLY A 108 -10.57 -1.37 -16.86
N PRO A 109 -11.35 -0.42 -17.39
CA PRO A 109 -11.96 -0.62 -18.71
C PRO A 109 -10.96 -0.55 -19.87
N ASP A 110 -11.05 -1.38 -20.91
CA ASP A 110 -11.87 -2.60 -21.04
C ASP A 110 -13.38 -2.41 -20.81
N ALA A 115 -10.02 -10.19 -16.09
CA ALA A 115 -11.40 -10.59 -16.39
C ALA A 115 -12.07 -11.20 -15.17
N GLY A 116 -13.25 -11.77 -15.38
CA GLY A 116 -13.97 -12.44 -14.31
C GLY A 116 -13.21 -13.63 -13.78
N GLY A 117 -13.00 -13.65 -12.47
CA GLY A 117 -12.26 -14.75 -11.85
C GLY A 117 -12.94 -15.29 -10.61
N GLU A 118 -12.12 -15.82 -9.70
CA GLU A 118 -12.60 -16.43 -8.48
C GLU A 118 -13.09 -15.39 -7.47
N ASP A 119 -12.38 -14.27 -7.40
CA ASP A 119 -12.67 -13.24 -6.39
C ASP A 119 -13.35 -12.01 -6.98
N VAL A 120 -13.21 -11.82 -8.28
CA VAL A 120 -13.62 -10.57 -8.90
C VAL A 120 -14.54 -10.75 -10.10
N ALA A 121 -15.59 -9.93 -10.16
CA ALA A 121 -16.54 -9.92 -11.26
C ALA A 121 -15.85 -9.52 -12.56
N PRO A 122 -16.45 -9.88 -13.71
CA PRO A 122 -15.83 -9.53 -14.99
C PRO A 122 -15.90 -8.04 -15.29
N GLY A 123 -14.85 -7.54 -15.94
CA GLY A 123 -14.78 -6.13 -16.33
C GLY A 123 -14.44 -5.23 -15.17
N PRO A 124 -14.69 -3.92 -15.34
CA PRO A 124 -14.39 -2.88 -14.35
C PRO A 124 -14.94 -3.19 -12.98
N LEU A 125 -14.17 -2.87 -11.95
CA LEU A 125 -14.60 -3.02 -10.57
C LEU A 125 -15.80 -2.14 -10.28
N GLY A 126 -16.76 -2.68 -9.55
CA GLY A 126 -17.96 -1.94 -9.22
C GLY A 126 -17.69 -0.84 -8.21
N LEU A 127 -18.64 0.10 -8.12
CA LEU A 127 -18.55 1.19 -7.17
C LEU A 127 -18.43 0.67 -5.74
N GLY A 128 -19.15 -0.39 -5.43
CA GLY A 128 -19.11 -0.99 -4.11
C GLY A 128 -17.79 -1.69 -3.89
N GLN A 129 -17.21 -2.19 -4.96
CA GLN A 129 -15.92 -2.86 -4.91
C GLN A 129 -14.82 -1.82 -4.75
N LEU A 130 -14.87 -0.79 -5.59
CA LEU A 130 -13.94 0.32 -5.50
C LEU A 130 -13.96 0.94 -4.10
N LEU A 131 -15.15 1.08 -3.54
CA LEU A 131 -15.30 1.60 -2.18
C LEU A 131 -14.78 0.62 -1.14
N ALA A 132 -14.98 -0.67 -1.40
CA ALA A 132 -14.51 -1.72 -0.51
C ALA A 132 -13.00 -1.69 -0.41
N VAL A 133 -12.35 -1.60 -1.55
CA VAL A 133 -10.90 -1.52 -1.62
C VAL A 133 -10.38 -0.31 -0.84
N ALA A 134 -11.02 0.84 -1.05
CA ALA A 134 -10.62 2.07 -0.39
C ALA A 134 -10.84 1.99 1.11
N SER A 135 -11.97 1.41 1.52
CA SER A 135 -12.29 1.28 2.93
C SER A 135 -11.25 0.48 3.70
N GLN A 136 -10.76 -0.59 3.08
CA GLN A 136 -9.79 -1.47 3.73
C GLN A 136 -8.44 -0.79 3.95
N VAL A 137 -8.01 -0.01 2.96
CA VAL A 137 -6.76 0.72 3.06
C VAL A 137 -6.84 1.76 4.17
N ALA A 138 -7.98 2.43 4.24
CA ALA A 138 -8.22 3.44 5.27
C ALA A 138 -8.09 2.84 6.66
N ALA A 139 -8.74 1.70 6.87
CA ALA A 139 -8.70 1.00 8.15
C ALA A 139 -7.27 0.68 8.57
N GLY A 140 -6.45 0.28 7.62
CA GLY A 140 -5.05 0.02 7.88
C GLY A 140 -4.31 1.29 8.28
N MET A 141 -4.71 2.41 7.66
CA MET A 141 -4.12 3.69 7.97
C MET A 141 -4.65 4.22 9.30
N VAL A 142 -5.88 3.84 9.63
CA VAL A 142 -6.46 4.18 10.92
C VAL A 142 -5.66 3.52 12.04
N TYR A 143 -5.30 2.25 11.81
CA TYR A 143 -4.51 1.49 12.76
C TYR A 143 -3.15 2.14 13.00
N LEU A 144 -2.43 2.44 11.92
CA LEU A 144 -1.10 3.03 12.03
C LEU A 144 -1.16 4.41 12.68
N ALA A 145 -2.26 5.13 12.44
CA ALA A 145 -2.44 6.45 13.03
C ALA A 145 -2.64 6.36 14.53
N GLY A 146 -3.36 5.33 14.96
CA GLY A 146 -3.52 5.06 16.38
C GLY A 146 -2.19 4.68 17.00
N LEU A 147 -1.42 3.87 16.29
CA LEU A 147 -0.08 3.48 16.72
C LEU A 147 0.89 4.65 16.57
N HIS A 148 0.41 5.72 15.92
CA HIS A 148 1.18 6.94 15.68
C HIS A 148 2.42 6.70 14.84
N PHE A 149 2.27 5.93 13.77
CA PHE A 149 3.33 5.74 12.80
C PHE A 149 3.00 6.44 11.48
N VAL A 150 4.02 6.88 10.78
CA VAL A 150 3.86 7.53 9.48
C VAL A 150 4.42 6.67 8.36
N HIS A 151 3.64 6.50 7.30
CA HIS A 151 4.02 5.60 6.23
C HIS A 151 5.02 6.22 5.24
N ARG A 152 4.86 7.51 4.95
CA ARG A 152 5.75 8.26 4.04
C ARG A 152 5.68 7.83 2.58
N ASP A 153 5.23 6.60 2.32
CA ASP A 153 5.12 6.11 0.95
C ASP A 153 3.82 5.35 0.73
N LEU A 154 2.70 6.00 1.04
CA LEU A 154 1.40 5.36 0.87
C LEU A 154 0.92 5.47 -0.58
N ALA A 155 0.95 4.35 -1.29
CA ALA A 155 0.48 4.28 -2.66
C ALA A 155 -0.11 2.90 -2.91
N THR A 156 -0.83 2.76 -4.02
CA THR A 156 -1.42 1.48 -4.36
C THR A 156 -0.33 0.43 -4.60
N ARG A 157 0.81 0.87 -5.11
CA ARG A 157 1.93 -0.03 -5.37
C ARG A 157 2.46 -0.65 -4.08
N ASN A 158 2.09 -0.07 -2.93
CA ASN A 158 2.49 -0.60 -1.64
C ASN A 158 1.34 -1.28 -0.89
N CYS A 159 0.22 -1.50 -1.57
CA CYS A 159 -0.89 -2.26 -1.00
C CYS A 159 -1.06 -3.57 -1.76
N LEU A 160 -1.27 -4.66 -1.02
CA LEU A 160 -1.44 -5.97 -1.63
C LEU A 160 -2.89 -6.43 -1.62
N VAL A 161 -3.27 -7.18 -2.64
CA VAL A 161 -4.60 -7.77 -2.69
C VAL A 161 -4.53 -9.27 -2.55
N GLY A 162 -5.33 -9.82 -1.63
CA GLY A 162 -5.34 -11.25 -1.40
C GLY A 162 -6.61 -11.89 -1.92
N GLN A 163 -6.63 -13.23 -1.91
CA GLN A 163 -7.80 -13.99 -2.32
C GLN A 163 -9.02 -13.59 -1.49
N GLY A 164 -10.12 -13.29 -2.18
CA GLY A 164 -11.31 -12.78 -1.51
C GLY A 164 -11.34 -11.26 -1.57
N LEU A 165 -10.47 -10.70 -2.42
CA LEU A 165 -10.31 -9.27 -2.56
C LEU A 165 -10.02 -8.59 -1.22
N VAL A 166 -9.09 -9.16 -0.48
CA VAL A 166 -8.65 -8.56 0.77
C VAL A 166 -7.48 -7.63 0.51
N VAL A 167 -7.63 -6.37 0.88
CA VAL A 167 -6.56 -5.39 0.68
C VAL A 167 -5.83 -5.09 1.97
N LYS A 168 -4.51 -5.16 1.91
CA LYS A 168 -3.66 -4.94 3.08
C LYS A 168 -2.51 -3.98 2.76
N ILE A 169 -2.09 -3.21 3.75
CA ILE A 169 -1.02 -2.24 3.57
C ILE A 169 0.37 -2.84 3.83
N GLY A 170 1.30 -2.59 2.92
CA GLY A 170 2.70 -2.91 3.12
C GLY A 170 3.55 -1.73 2.68
N ASP A 171 4.87 -1.84 2.78
CA ASP A 171 5.75 -0.76 2.33
C ASP A 171 6.96 -1.31 1.60
N PHE A 172 6.88 -1.32 0.27
CA PHE A 172 7.88 -1.92 -0.59
C PHE A 172 9.00 -0.87 -0.80
N GLY A 173 10.09 -1.16 -1.53
CA GLY A 173 10.43 -2.45 -2.12
C GLY A 173 11.64 -2.38 -3.06
N MET A 174 11.56 -2.73 -4.35
CA MET A 174 10.42 -3.11 -5.23
C MET A 174 9.77 -1.87 -5.82
N SER A 175 9.01 -1.13 -5.01
CA SER A 175 8.32 0.07 -5.47
C SER A 175 9.27 1.06 -6.12
N ARG A 176 10.43 1.24 -5.49
CA ARG A 176 11.46 2.14 -6.00
C ARG A 176 12.05 1.64 -7.31
N ASP A 177 11.89 0.35 -7.59
CA ASP A 177 12.50 -0.30 -8.75
C ASP A 177 11.53 -0.49 -9.91
N ILE A 178 10.45 -1.23 -9.64
CA ILE A 178 9.45 -1.54 -10.65
C ILE A 178 8.73 -0.27 -11.08
N TYR A 179 8.43 0.58 -10.09
CA TYR A 179 7.74 1.83 -10.34
C TYR A 179 8.67 3.02 -10.18
N SER A 180 9.84 2.96 -10.82
CA SER A 180 10.85 4.00 -10.66
C SER A 180 10.35 5.35 -11.15
N THR A 181 9.35 5.31 -12.03
CA THR A 181 8.74 6.51 -12.59
C THR A 181 7.82 7.22 -11.59
N ASP A 182 7.59 6.59 -10.45
CA ASP A 182 6.71 7.15 -9.43
C ASP A 182 7.51 7.92 -8.38
N TYR A 183 8.82 7.98 -8.58
CA TYR A 183 9.67 8.67 -7.63
C TYR A 183 10.49 9.78 -8.30
N TYR A 184 10.90 10.75 -7.47
CA TYR A 184 11.73 11.84 -7.94
C TYR A 184 13.13 11.74 -7.33
N ARG A 185 14.12 11.49 -8.17
CA ARG A 185 15.50 11.30 -7.72
C ARG A 185 16.16 12.66 -7.46
N VAL A 186 16.72 12.82 -6.26
CA VAL A 186 17.20 14.12 -5.82
C VAL A 186 18.71 14.33 -5.92
N GLY A 187 19.43 13.46 -6.62
CA GLY A 187 20.85 13.66 -6.77
C GLY A 187 21.77 12.50 -6.43
N GLY A 188 21.89 12.15 -5.16
CA GLY A 188 21.10 12.73 -4.08
C GLY A 188 21.50 12.30 -2.67
N ARG A 189 21.35 11.03 -2.33
CA ARG A 189 20.81 10.02 -3.25
C ARG A 189 19.63 9.29 -2.62
N THR A 190 18.48 9.96 -2.60
CA THR A 190 17.25 9.35 -2.15
C THR A 190 16.16 9.57 -3.21
N MET A 191 14.95 9.10 -2.93
CA MET A 191 13.86 9.25 -3.88
C MET A 191 12.55 9.56 -3.17
N LEU A 192 11.85 10.59 -3.65
CA LEU A 192 10.59 11.01 -3.05
C LEU A 192 9.42 10.82 -4.00
N PRO A 193 8.37 10.14 -3.54
CA PRO A 193 7.14 9.99 -4.33
C PRO A 193 6.34 11.28 -4.34
N ILE A 194 6.86 12.29 -5.04
CA ILE A 194 6.32 13.64 -4.93
C ILE A 194 4.85 13.79 -5.28
N ARG A 195 4.34 12.92 -6.14
CA ARG A 195 2.96 13.03 -6.58
C ARG A 195 1.99 12.57 -5.50
N TRP A 196 2.52 12.03 -4.41
CA TRP A 196 1.71 11.54 -3.31
C TRP A 196 1.89 12.38 -2.06
N MET A 197 2.79 13.36 -2.13
CA MET A 197 3.14 14.14 -0.95
C MET A 197 2.44 15.50 -0.90
N PRO A 198 2.00 15.89 0.29
CA PRO A 198 1.35 17.19 0.50
C PRO A 198 2.35 18.32 0.35
N PRO A 199 1.86 19.57 0.21
CA PRO A 199 2.70 20.76 0.05
C PRO A 199 3.73 20.97 1.18
N GLU A 200 3.36 20.67 2.42
CA GLU A 200 4.27 20.89 3.54
C GLU A 200 5.43 19.91 3.53
N SER A 201 5.26 18.80 2.82
CA SER A 201 6.32 17.82 2.69
C SER A 201 7.29 18.19 1.58
N ILE A 202 6.76 18.74 0.50
CA ILE A 202 7.58 19.17 -0.63
C ILE A 202 8.36 20.44 -0.29
N LEU A 203 7.67 21.39 0.34
CA LEU A 203 8.28 22.65 0.74
C LEU A 203 9.07 22.52 2.02
N TYR A 204 8.36 22.29 3.12
CA TYR A 204 8.91 22.37 4.46
C TYR A 204 9.58 21.06 4.89
N ARG A 205 9.52 20.04 4.03
CA ARG A 205 10.06 18.72 4.33
C ARG A 205 9.57 18.17 5.67
N LYS A 206 8.26 18.20 5.86
CA LYS A 206 7.64 17.64 7.05
C LYS A 206 6.67 16.52 6.69
N PHE A 207 6.77 15.40 7.39
CA PHE A 207 5.90 14.26 7.15
C PHE A 207 5.22 13.83 8.46
N THR A 208 3.92 14.08 8.56
CA THR A 208 3.18 13.71 9.77
C THR A 208 1.99 12.82 9.45
N THR A 209 1.15 12.60 10.45
CA THR A 209 -0.07 11.81 10.28
C THR A 209 -0.99 12.51 9.31
N GLU A 210 -1.05 13.83 9.41
CA GLU A 210 -1.88 14.63 8.52
C GLU A 210 -1.27 14.75 7.14
N SER A 211 -0.06 14.22 6.99
CA SER A 211 0.54 14.13 5.67
C SER A 211 0.09 12.84 5.01
N ASP A 212 -0.32 11.88 5.84
CA ASP A 212 -0.77 10.59 5.35
C ASP A 212 -2.19 10.64 4.80
N VAL A 213 -3.03 11.50 5.35
CA VAL A 213 -4.38 11.66 4.83
C VAL A 213 -4.34 12.24 3.42
N TRP A 214 -3.38 13.14 3.19
CA TRP A 214 -3.16 13.67 1.85
C TRP A 214 -2.81 12.51 0.93
N SER A 215 -1.88 11.67 1.37
CA SER A 215 -1.47 10.50 0.61
C SER A 215 -2.65 9.58 0.33
N PHE A 216 -3.54 9.43 1.30
CA PHE A 216 -4.68 8.54 1.14
C PHE A 216 -5.66 9.05 0.08
N GLY A 217 -5.88 10.36 0.06
CA GLY A 217 -6.71 10.97 -0.96
C GLY A 217 -6.16 10.69 -2.34
N VAL A 218 -4.84 10.75 -2.46
CA VAL A 218 -4.18 10.43 -3.71
C VAL A 218 -4.33 8.94 -3.99
N VAL A 219 -4.28 8.12 -2.94
CA VAL A 219 -4.53 6.69 -3.06
C VAL A 219 -5.99 6.45 -3.45
N LEU A 220 -6.87 7.22 -2.83
CA LEU A 220 -8.29 7.16 -3.13
C LEU A 220 -8.54 7.58 -4.57
N TRP A 221 -7.76 8.56 -5.02
CA TRP A 221 -7.82 9.01 -6.40
C TRP A 221 -7.37 7.90 -7.33
N GLU A 222 -6.27 7.24 -6.97
CA GLU A 222 -5.72 6.12 -7.72
C GLU A 222 -6.72 4.99 -7.90
N ILE A 223 -7.48 4.72 -6.85
CA ILE A 223 -8.43 3.61 -6.85
C ILE A 223 -9.54 3.83 -7.87
N PHE A 224 -10.04 5.07 -7.93
CA PHE A 224 -11.14 5.40 -8.83
C PHE A 224 -10.68 5.78 -10.24
N THR A 225 -9.37 5.79 -10.45
CA THR A 225 -8.80 6.01 -11.78
C THR A 225 -8.25 4.69 -12.32
N TYR A 226 -8.52 3.61 -11.60
CA TYR A 226 -8.02 2.28 -11.92
C TYR A 226 -6.50 2.25 -12.13
N GLY A 227 -5.79 2.82 -11.17
CA GLY A 227 -4.34 2.70 -11.11
C GLY A 227 -3.54 3.76 -11.85
N LYS A 228 -4.23 4.67 -12.51
CA LYS A 228 -3.57 5.71 -13.29
C LYS A 228 -2.72 6.60 -12.39
N GLN A 229 -1.49 6.88 -12.83
CA GLN A 229 -0.57 7.71 -12.06
C GLN A 229 -1.12 9.13 -11.88
N PRO A 230 -1.03 9.67 -10.65
CA PRO A 230 -1.45 11.04 -10.41
C PRO A 230 -0.55 12.01 -11.15
N TRP A 231 -1.14 13.07 -11.72
CA TRP A 231 -0.40 14.03 -12.54
C TRP A 231 0.45 13.33 -13.60
N TYR A 232 -0.12 12.32 -14.24
CA TYR A 232 0.62 11.55 -15.24
C TYR A 232 0.92 12.41 -16.46
N GLN A 233 0.08 13.42 -16.70
CA GLN A 233 0.29 14.32 -17.82
C GLN A 233 1.41 15.32 -17.52
N LEU A 234 1.93 15.30 -16.29
CA LEU A 234 2.96 16.24 -15.86
C LEU A 234 4.30 15.59 -15.58
N SER A 235 5.37 16.37 -15.73
CA SER A 235 6.69 15.94 -15.30
C SER A 235 6.83 16.15 -13.81
N ASN A 236 7.90 15.63 -13.24
CA ASN A 236 8.14 15.72 -11.80
C ASN A 236 8.21 17.18 -11.32
N THR A 237 8.94 18.01 -12.05
CA THR A 237 9.04 19.43 -11.72
C THR A 237 7.70 20.12 -11.88
N GLU A 238 6.98 19.77 -12.94
CA GLU A 238 5.65 20.34 -13.19
C GLU A 238 4.65 19.84 -12.15
N ALA A 239 4.86 18.62 -11.67
CA ALA A 239 4.01 18.06 -10.62
C ALA A 239 4.23 18.81 -9.30
N ILE A 240 5.49 19.09 -8.99
CA ILE A 240 5.81 19.84 -7.77
C ILE A 240 5.16 21.22 -7.80
N ASP A 241 5.23 21.88 -8.96
CA ASP A 241 4.60 23.18 -9.14
C ASP A 241 3.11 23.14 -8.80
N CYS A 242 2.38 22.23 -9.42
CA CYS A 242 0.93 22.14 -9.23
C CYS A 242 0.56 21.89 -7.78
N ILE A 243 1.32 21.00 -7.14
CA ILE A 243 1.05 20.62 -5.75
C ILE A 243 1.34 21.74 -4.75
N THR A 244 2.44 22.46 -4.93
CA THR A 244 2.79 23.56 -4.04
C THR A 244 1.93 24.81 -4.30
N GLN A 245 1.29 24.86 -5.46
CA GLN A 245 0.50 26.04 -5.82
C GLN A 245 -1.00 25.82 -5.55
N GLY A 246 -1.33 24.71 -4.91
CA GLY A 246 -2.69 24.45 -4.50
C GLY A 246 -3.61 23.86 -5.56
N ARG A 247 -3.05 23.41 -6.67
CA ARG A 247 -3.86 22.80 -7.72
C ARG A 247 -4.17 21.34 -7.39
N GLU A 248 -5.42 20.94 -7.59
CA GLU A 248 -5.88 19.62 -7.20
C GLU A 248 -6.13 18.67 -8.37
N LEU A 249 -6.07 17.38 -8.09
CA LEU A 249 -6.34 16.35 -9.08
C LEU A 249 -7.82 16.32 -9.44
N GLU A 250 -8.10 16.25 -10.73
CA GLU A 250 -9.48 16.31 -11.22
C GLU A 250 -10.25 15.07 -10.81
N ARG A 251 -11.57 15.20 -10.68
CA ARG A 251 -12.40 14.09 -10.27
C ARG A 251 -12.38 12.97 -11.28
N PRO A 252 -12.03 11.76 -10.84
CA PRO A 252 -12.06 10.59 -11.71
C PRO A 252 -13.45 10.38 -12.28
N ARG A 253 -13.52 9.83 -13.48
CA ARG A 253 -14.82 9.56 -14.11
C ARG A 253 -15.64 8.64 -13.22
N ALA A 254 -15.02 7.57 -12.73
CA ALA A 254 -15.72 6.56 -11.94
C ALA A 254 -16.00 7.03 -10.52
N CYS A 255 -15.64 8.27 -10.20
CA CYS A 255 -15.84 8.79 -8.85
C CYS A 255 -17.09 9.64 -8.73
N PRO A 256 -18.03 9.23 -7.87
CA PRO A 256 -19.20 10.03 -7.51
C PRO A 256 -18.78 11.35 -6.86
N PRO A 257 -19.60 12.40 -7.03
CA PRO A 257 -19.36 13.70 -6.41
C PRO A 257 -19.29 13.61 -4.88
N GLU A 258 -19.96 12.60 -4.32
CA GLU A 258 -19.95 12.38 -2.88
C GLU A 258 -18.59 11.90 -2.41
N VAL A 259 -17.96 11.04 -3.20
CA VAL A 259 -16.67 10.46 -2.86
C VAL A 259 -15.53 11.43 -3.12
N TYR A 260 -15.66 12.22 -4.19
CA TYR A 260 -14.65 13.22 -4.52
C TYR A 260 -14.58 14.28 -3.41
N ALA A 261 -15.69 14.48 -2.70
CA ALA A 261 -15.71 15.41 -1.58
C ALA A 261 -14.82 14.91 -0.45
N ILE A 262 -14.66 13.59 -0.39
CA ILE A 262 -13.80 12.98 0.62
C ILE A 262 -12.33 13.24 0.29
N MET A 263 -11.99 13.12 -0.99
CA MET A 263 -10.63 13.39 -1.44
C MET A 263 -10.20 14.81 -1.09
N ARG A 264 -11.05 15.78 -1.41
CA ARG A 264 -10.76 17.18 -1.13
C ARG A 264 -10.62 17.44 0.37
N GLY A 265 -11.37 16.69 1.17
CA GLY A 265 -11.27 16.80 2.61
C GLY A 265 -9.91 16.34 3.11
N CYS A 266 -9.30 15.43 2.37
CA CYS A 266 -7.94 14.98 2.65
C CYS A 266 -6.91 15.94 2.06
N TRP A 267 -7.37 16.84 1.19
CA TRP A 267 -6.46 17.70 0.44
C TRP A 267 -6.52 19.16 0.85
N GLN A 268 -6.95 19.42 2.10
CA GLN A 268 -6.93 20.77 2.64
C GLN A 268 -5.47 21.20 2.76
N ARG A 269 -5.17 22.39 2.25
CA ARG A 269 -3.79 22.86 2.15
C ARG A 269 -3.09 22.93 3.50
N GLU A 270 -3.79 23.46 4.50
CA GLU A 270 -3.26 23.50 5.85
C GLU A 270 -3.49 22.15 6.55
N PRO A 271 -2.40 21.50 6.97
CA PRO A 271 -2.34 20.16 7.55
C PRO A 271 -3.42 19.83 8.59
N GLN A 272 -3.74 20.76 9.47
CA GLN A 272 -4.68 20.46 10.56
C GLN A 272 -6.13 20.82 10.21
N GLN A 273 -6.34 21.32 8.99
CA GLN A 273 -7.70 21.55 8.52
C GLN A 273 -8.22 20.34 7.77
N ARG A 274 -7.37 19.33 7.62
CA ARG A 274 -7.76 18.07 7.00
C ARG A 274 -8.60 17.24 7.98
N HIS A 275 -9.24 16.21 7.47
CA HIS A 275 -10.01 15.29 8.30
C HIS A 275 -9.12 14.22 8.89
N SER A 276 -9.50 13.69 10.05
CA SER A 276 -8.78 12.57 10.64
C SER A 276 -9.00 11.35 9.77
N ILE A 277 -8.11 10.36 9.89
CA ILE A 277 -8.23 9.15 9.09
C ILE A 277 -9.37 8.27 9.63
N LYS A 278 -9.70 8.46 10.90
CA LYS A 278 -10.82 7.75 11.52
C LYS A 278 -12.11 8.20 10.86
N ASP A 279 -12.14 9.49 10.56
CA ASP A 279 -13.32 10.14 10.01
C ASP A 279 -13.49 9.80 8.53
N VAL A 280 -12.38 9.67 7.81
CA VAL A 280 -12.42 9.31 6.39
C VAL A 280 -12.82 7.86 6.22
N HIS A 281 -12.28 6.98 7.06
CA HIS A 281 -12.61 5.57 7.01
C HIS A 281 -14.10 5.33 7.25
N ALA A 282 -14.66 6.06 8.20
CA ALA A 282 -16.05 5.88 8.58
C ALA A 282 -16.99 6.23 7.43
N ARG A 283 -16.68 7.32 6.74
CA ARG A 283 -17.49 7.75 5.61
C ARG A 283 -17.40 6.77 4.44
N LEU A 284 -16.21 6.23 4.23
CA LEU A 284 -15.99 5.27 3.15
C LEU A 284 -16.64 3.92 3.44
N GLN A 285 -16.48 3.43 4.67
CA GLN A 285 -17.06 2.15 5.07
C GLN A 285 -18.58 2.17 4.96
N ALA A 286 -19.18 3.29 5.40
CA ALA A 286 -20.62 3.46 5.31
C ALA A 286 -21.07 3.37 3.86
N LEU A 287 -20.36 4.08 2.99
CA LEU A 287 -20.58 4.01 1.56
C LEU A 287 -20.36 2.59 1.04
N ALA A 288 -19.33 1.93 1.56
CA ALA A 288 -18.99 0.58 1.14
C ALA A 288 -20.08 -0.41 1.52
N GLN A 289 -20.54 -0.32 2.78
CA GLN A 289 -21.56 -1.23 3.30
C GLN A 289 -22.96 -0.81 2.90
N ALA A 290 -23.08 0.38 2.30
CA ALA A 290 -24.38 0.91 1.90
C ALA A 290 -25.13 -0.04 0.99
N PRO A 291 -26.46 -0.12 1.15
CA PRO A 291 -27.31 -0.92 0.27
C PRO A 291 -27.15 -0.50 -1.18
N PRO A 292 -27.25 -1.43 -2.13
CA PRO A 292 -27.14 -1.12 -3.55
C PRO A 292 -27.99 0.08 -3.96
N VAL A 293 -29.24 0.11 -3.50
CA VAL A 293 -30.19 1.17 -3.81
C VAL A 293 -29.61 2.56 -3.55
N TYR A 294 -28.87 2.69 -2.44
CA TYR A 294 -28.26 3.96 -2.08
C TYR A 294 -27.10 4.32 -3.01
N LEU A 295 -26.39 3.29 -3.50
CA LEU A 295 -25.21 3.48 -4.33
C LEU A 295 -25.54 3.61 -5.80
N ASP A 296 -26.67 3.02 -6.22
CA ASP A 296 -27.09 3.09 -7.61
C ASP A 296 -27.39 4.53 -8.01
N VAL A 297 -27.85 5.32 -7.06
CA VAL A 297 -28.20 6.71 -7.30
C VAL A 297 -27.12 7.60 -6.68
N LEU A 298 -25.87 7.18 -6.85
CA LEU A 298 -24.73 7.94 -6.32
C LEU A 298 -23.89 8.51 -7.46
#